data_5BVB
#
_entry.id   5BVB
#
_cell.length_a   60.732
_cell.length_b   68.623
_cell.length_c   72.084
_cell.angle_alpha   90.000
_cell.angle_beta   113.560
_cell.angle_gamma   90.000
#
_symmetry.space_group_name_H-M   'P 1 21 1'
#
loop_
_entity.id
_entity.type
_entity.pdbx_description
1 polymer DIG5.1a
2 non-polymer DIGOXIGENIN
3 water water
#
_entity_poly.entity_id   1
_entity_poly.type   'polypeptide(L)'
_entity_poly.pdbx_seq_one_letter_code
;GSSMNAKEILVHSLRLLENGDARGWCDLFHPEGVLEYPYAPPGWKTRFEGRETIWAHMRLHPEHVTWRFTDVQFYETADP
DLAIGEYHGDGVVTVSGGKYAADYITVLRTRDGQILLLRVFWNPLRILEAAG
;
_entity_poly.pdbx_strand_id   A,B,C,D
#
loop_
_chem_comp.id
_chem_comp.type
_chem_comp.name
_chem_comp.formula
DOG non-polymer DIGOXIGENIN 'C23 H34 O5'
#
# COMPACT_ATOMS: atom_id res chain seq x y z
N SER A 3 3.86 -25.60 0.93
CA SER A 3 4.60 -24.28 0.78
C SER A 3 3.83 -23.02 1.36
N MET A 4 4.52 -21.88 1.45
CA MET A 4 3.91 -20.63 1.97
C MET A 4 2.56 -20.18 1.28
N ASN A 5 1.70 -19.64 2.10
CA ASN A 5 0.47 -19.02 1.63
C ASN A 5 0.74 -17.51 1.34
N ALA A 6 -0.23 -16.80 0.76
CA ALA A 6 -0.04 -15.39 0.39
C ALA A 6 0.40 -14.49 1.56
N LYS A 7 -0.18 -14.65 2.73
CA LYS A 7 0.25 -13.69 3.71
C LYS A 7 1.73 -13.90 4.13
N GLU A 8 2.15 -15.18 4.24
CA GLU A 8 3.52 -15.53 4.68
C GLU A 8 4.50 -15.12 3.55
N ILE A 9 4.07 -15.21 2.32
CA ILE A 9 4.93 -14.74 1.24
C ILE A 9 5.04 -13.22 1.22
N LEU A 10 3.93 -12.51 1.55
CA LEU A 10 4.10 -11.05 1.61
C LEU A 10 5.11 -10.62 2.66
N VAL A 11 5.04 -11.17 3.89
CA VAL A 11 5.84 -10.72 5.02
C VAL A 11 7.28 -11.18 4.70
N HIS A 12 7.45 -12.34 4.10
CA HIS A 12 8.79 -12.75 3.74
C HIS A 12 9.33 -11.81 2.61
N SER A 13 8.49 -11.46 1.62
CA SER A 13 8.98 -10.52 0.55
C SER A 13 9.46 -9.15 1.13
N LEU A 14 8.79 -8.64 2.14
CA LEU A 14 9.18 -7.38 2.76
C LEU A 14 10.51 -7.49 3.47
N ARG A 15 10.76 -8.62 4.10
CA ARG A 15 11.98 -8.82 4.84
C ARG A 15 13.17 -8.90 3.87
N LEU A 16 12.92 -9.51 2.73
CA LEU A 16 13.86 -9.56 1.63
C LEU A 16 14.27 -8.19 1.11
N LEU A 17 13.32 -7.31 0.92
CA LEU A 17 13.58 -5.96 0.53
C LEU A 17 14.34 -5.19 1.59
N GLU A 18 14.01 -5.38 2.84
CA GLU A 18 14.68 -4.71 3.92
C GLU A 18 16.12 -5.19 3.98
N ASN A 19 16.38 -6.44 3.60
CA ASN A 19 17.72 -7.02 3.48
C ASN A 19 18.38 -6.51 2.18
N GLY A 20 17.78 -5.69 1.33
CA GLY A 20 18.50 -5.36 0.05
C GLY A 20 18.56 -6.51 -0.96
N ASP A 21 17.86 -7.62 -0.66
CA ASP A 21 17.98 -8.78 -1.51
C ASP A 21 16.93 -8.78 -2.67
N ALA A 22 17.22 -7.97 -3.73
CA ALA A 22 16.40 -7.87 -4.88
C ALA A 22 16.34 -9.17 -5.68
N ARG A 23 17.39 -9.96 -5.69
CA ARG A 23 17.40 -11.17 -6.53
C ARG A 23 16.42 -12.17 -6.01
N GLY A 24 16.39 -12.30 -4.71
CA GLY A 24 15.49 -13.17 -3.99
C GLY A 24 14.04 -12.75 -3.97
N TRP A 25 13.83 -11.45 -3.87
CA TRP A 25 12.53 -10.86 -4.00
C TRP A 25 11.96 -11.25 -5.36
N CYS A 26 12.71 -11.00 -6.42
CA CYS A 26 12.30 -11.30 -7.78
C CYS A 26 12.10 -12.83 -8.00
N ASP A 27 12.90 -13.63 -7.33
CA ASP A 27 12.84 -15.07 -7.45
C ASP A 27 11.55 -15.62 -6.85
N LEU A 28 10.89 -14.82 -6.03
CA LEU A 28 9.61 -15.28 -5.46
C LEU A 28 8.58 -15.28 -6.55
N PHE A 29 8.73 -14.45 -7.60
CA PHE A 29 7.68 -14.43 -8.58
C PHE A 29 7.72 -15.70 -9.51
N HIS A 30 6.58 -16.05 -10.01
CA HIS A 30 6.39 -17.01 -11.03
C HIS A 30 7.04 -16.43 -12.24
N PRO A 31 7.67 -17.37 -13.05
CA PRO A 31 8.28 -16.82 -14.26
C PRO A 31 7.42 -15.88 -15.03
N GLU A 32 6.14 -16.13 -15.06
CA GLU A 32 5.30 -15.14 -15.74
C GLU A 32 4.51 -14.21 -14.72
N GLY A 33 4.96 -14.18 -13.47
CA GLY A 33 4.66 -13.21 -12.40
C GLY A 33 4.44 -11.79 -12.95
N VAL A 34 3.54 -11.02 -12.30
CA VAL A 34 3.26 -9.64 -12.73
C VAL A 34 3.40 -8.67 -11.53
N LEU A 35 4.07 -7.53 -11.73
CA LEU A 35 4.19 -6.56 -10.58
C LEU A 35 3.44 -5.31 -11.12
N GLU A 36 2.58 -4.75 -10.30
CA GLU A 36 1.84 -3.61 -10.70
C GLU A 36 1.91 -2.45 -9.70
N TYR A 37 2.01 -1.26 -10.22
CA TYR A 37 2.00 0.00 -9.44
C TYR A 37 0.84 0.76 -10.01
N PRO A 38 -0.38 0.45 -9.61
CA PRO A 38 -1.55 1.13 -10.25
C PRO A 38 -1.59 2.66 -10.10
N TYR A 39 -0.99 3.24 -9.08
CA TYR A 39 -1.04 4.71 -9.04
C TYR A 39 0.31 5.33 -9.41
N ALA A 40 1.20 4.68 -10.17
CA ALA A 40 2.52 5.28 -10.39
C ALA A 40 2.24 6.57 -11.13
N PRO A 41 3.11 7.59 -10.99
CA PRO A 41 3.03 8.85 -11.82
C PRO A 41 3.09 8.64 -13.36
N PRO A 42 2.47 9.54 -14.15
CA PRO A 42 2.80 9.64 -15.54
C PRO A 42 4.33 9.87 -15.63
N GLY A 43 4.90 9.18 -16.59
CA GLY A 43 6.35 9.06 -16.70
C GLY A 43 6.77 7.63 -16.40
N TRP A 44 5.98 6.95 -15.54
CA TRP A 44 6.39 5.63 -14.94
C TRP A 44 5.62 4.51 -15.54
N LYS A 45 6.18 3.31 -15.62
CA LYS A 45 5.36 2.15 -16.04
C LYS A 45 4.60 1.75 -14.85
N THR A 46 3.37 1.25 -15.06
CA THR A 46 2.44 0.84 -13.93
C THR A 46 2.40 -0.72 -13.93
N ARG A 47 3.12 -1.38 -14.84
CA ARG A 47 3.08 -2.85 -14.98
C ARG A 47 4.36 -3.53 -15.48
N PHE A 48 4.75 -4.64 -14.86
CA PHE A 48 6.03 -5.27 -15.24
C PHE A 48 5.61 -6.79 -15.33
N GLU A 49 5.58 -7.34 -16.57
CA GLU A 49 5.14 -8.78 -16.81
C GLU A 49 6.35 -9.61 -16.97
N GLY A 50 6.50 -10.52 -16.05
CA GLY A 50 7.54 -11.57 -16.11
C GLY A 50 8.67 -11.29 -15.20
N ARG A 51 9.19 -12.31 -14.57
CA ARG A 51 10.23 -12.25 -13.57
C ARG A 51 11.44 -11.49 -14.03
N GLU A 52 11.87 -11.69 -15.26
CA GLU A 52 13.03 -11.03 -15.76
C GLU A 52 12.84 -9.51 -15.93
N THR A 53 11.67 -9.10 -16.33
CA THR A 53 11.31 -7.71 -16.43
C THR A 53 11.25 -7.08 -15.07
N ILE A 54 10.78 -7.80 -14.11
CA ILE A 54 10.67 -7.24 -12.74
C ILE A 54 12.09 -7.06 -12.20
N TRP A 55 12.93 -8.03 -12.49
CA TRP A 55 14.32 -8.02 -12.11
C TRP A 55 15.04 -6.86 -12.72
N ALA A 56 14.68 -6.52 -13.95
CA ALA A 56 15.42 -5.50 -14.68
C ALA A 56 15.11 -4.12 -14.02
N HIS A 57 13.95 -4.02 -13.40
CA HIS A 57 13.55 -2.81 -12.74
C HIS A 57 14.15 -2.80 -11.30
N MET A 58 14.01 -3.86 -10.52
CA MET A 58 14.41 -3.89 -9.11
C MET A 58 15.91 -3.94 -8.83
N ARG A 59 16.58 -4.54 -9.78
CA ARG A 59 18.02 -4.80 -9.92
C ARG A 59 18.85 -3.72 -9.30
N LEU A 60 18.48 -2.52 -9.71
CA LEU A 60 19.34 -1.37 -9.65
C LEU A 60 19.25 -0.57 -8.31
N HIS A 61 18.17 -0.72 -7.59
CA HIS A 61 17.92 0.09 -6.47
C HIS A 61 18.55 -0.24 -5.11
N PRO A 62 18.79 -1.49 -4.71
CA PRO A 62 19.45 -1.67 -3.36
C PRO A 62 20.71 -0.94 -3.07
N GLU A 63 21.50 -0.67 -4.08
CA GLU A 63 22.70 0.09 -3.92
C GLU A 63 22.39 1.52 -3.53
N HIS A 64 21.20 2.02 -3.83
CA HIS A 64 20.98 3.43 -3.74
C HIS A 64 19.90 3.87 -2.77
N VAL A 65 19.08 2.92 -2.34
CA VAL A 65 18.01 3.26 -1.36
C VAL A 65 17.74 2.03 -0.55
N THR A 66 17.42 2.22 0.74
CA THR A 66 17.14 1.01 1.55
C THR A 66 15.81 1.30 2.26
N TRP A 67 15.17 0.26 2.77
CA TRP A 67 13.77 0.22 3.19
C TRP A 67 13.51 -0.54 4.49
N ARG A 68 12.53 -0.10 5.23
CA ARG A 68 12.13 -0.74 6.50
C ARG A 68 10.58 -0.68 6.49
N PHE A 69 9.92 -1.81 6.73
CA PHE A 69 8.44 -1.80 6.67
C PHE A 69 7.92 -2.15 8.11
N THR A 70 6.81 -1.50 8.50
CA THR A 70 6.11 -1.85 9.77
C THR A 70 5.39 -3.20 9.60
N ASP A 71 4.84 -3.74 10.71
CA ASP A 71 4.01 -5.00 10.61
C ASP A 71 2.78 -4.82 9.63
N VAL A 72 2.60 -5.81 8.81
CA VAL A 72 1.52 -5.82 7.87
C VAL A 72 0.26 -6.09 8.65
N GLN A 73 -0.79 -5.34 8.48
CA GLN A 73 -2.08 -5.86 8.97
C GLN A 73 -2.88 -6.39 7.76
N PHE A 74 -3.32 -7.60 7.85
CA PHE A 74 -3.98 -8.27 6.65
C PHE A 74 -5.44 -8.22 6.80
N TYR A 75 -6.17 -8.03 5.68
CA TYR A 75 -7.66 -8.29 5.78
C TYR A 75 -7.96 -9.79 5.71
N GLU A 76 -9.09 -10.19 6.23
CA GLU A 76 -9.31 -11.67 6.16
C GLU A 76 -9.97 -12.10 4.79
N THR A 77 -9.19 -12.58 3.87
CA THR A 77 -9.68 -13.02 2.57
C THR A 77 -10.05 -14.47 2.76
N ALA A 78 -10.84 -14.98 1.82
CA ALA A 78 -11.28 -16.36 1.97
C ALA A 78 -10.20 -17.34 1.46
N ASP A 79 -9.43 -16.93 0.45
CA ASP A 79 -8.48 -17.83 -0.19
C ASP A 79 -7.04 -17.69 0.43
N PRO A 80 -6.43 -18.76 0.93
CA PRO A 80 -5.12 -18.48 1.47
C PRO A 80 -4.06 -18.09 0.42
N ASP A 81 -4.35 -18.26 -0.87
CA ASP A 81 -3.52 -17.72 -1.99
C ASP A 81 -3.82 -16.33 -2.46
N LEU A 82 -4.62 -15.58 -1.66
CA LEU A 82 -4.80 -14.16 -1.89
C LEU A 82 -4.55 -13.44 -0.61
N ALA A 83 -3.71 -12.43 -0.65
CA ALA A 83 -3.58 -11.67 0.61
C ALA A 83 -3.81 -10.17 0.31
N ILE A 84 -4.40 -9.44 1.22
CA ILE A 84 -4.54 -8.03 1.07
C ILE A 84 -4.13 -7.39 2.37
N GLY A 85 -3.14 -6.55 2.30
CA GLY A 85 -2.50 -6.02 3.45
C GLY A 85 -2.21 -4.56 3.42
N GLU A 86 -2.21 -3.94 4.58
CA GLU A 86 -1.74 -2.58 4.76
C GLU A 86 -0.46 -2.47 5.64
N TYR A 87 0.45 -1.59 5.26
CA TYR A 87 1.66 -1.41 6.00
C TYR A 87 2.34 -0.11 5.61
N HIS A 88 3.28 0.31 6.41
CA HIS A 88 3.95 1.63 6.25
C HIS A 88 5.41 1.25 5.80
N GLY A 89 5.98 1.95 4.82
CA GLY A 89 7.42 1.89 4.48
C GLY A 89 8.12 3.22 4.63
N ASP A 90 9.36 3.18 5.13
CA ASP A 90 10.24 4.33 5.19
C ASP A 90 11.36 3.94 4.35
N GLY A 91 11.78 4.86 3.49
CA GLY A 91 12.84 4.58 2.54
C GLY A 91 13.94 5.61 2.84
N VAL A 92 15.19 5.20 2.66
CA VAL A 92 16.33 6.13 2.87
C VAL A 92 17.27 6.12 1.70
N VAL A 93 17.48 7.27 1.08
CA VAL A 93 18.45 7.33 -0.05
C VAL A 93 19.88 7.28 0.53
N THR A 94 20.67 6.34 0.13
CA THR A 94 21.84 5.98 0.80
C THR A 94 22.90 7.14 0.70
N VAL A 95 23.04 7.80 -0.42
CA VAL A 95 24.02 8.85 -0.49
C VAL A 95 23.60 10.13 0.23
N SER A 96 22.34 10.53 0.22
CA SER A 96 21.96 11.80 0.80
C SER A 96 21.26 11.71 2.16
N GLY A 97 20.68 10.58 2.55
CA GLY A 97 19.96 10.69 3.79
C GLY A 97 18.53 11.13 3.45
N GLY A 98 18.24 11.41 2.20
CA GLY A 98 16.89 11.66 1.72
C GLY A 98 15.85 10.58 2.07
N LYS A 99 14.67 11.02 2.47
CA LYS A 99 13.58 10.17 3.02
C LYS A 99 12.35 9.98 2.08
N TYR A 100 11.88 8.76 2.00
CA TYR A 100 10.57 8.41 1.49
C TYR A 100 9.69 7.86 2.60
N ALA A 101 8.43 8.25 2.64
CA ALA A 101 7.50 7.61 3.66
C ALA A 101 6.17 7.25 2.85
N ALA A 102 5.69 6.03 2.96
CA ALA A 102 4.58 5.58 2.22
C ALA A 102 3.71 4.65 3.04
N ASP A 103 2.41 4.73 2.73
CA ASP A 103 1.41 3.81 3.27
C ASP A 103 0.85 2.95 2.16
N TYR A 104 0.98 1.65 2.28
CA TYR A 104 0.64 0.77 1.15
C TYR A 104 -0.69 0.10 1.44
N ILE A 105 -1.40 -0.26 0.38
CA ILE A 105 -2.29 -1.40 0.50
C ILE A 105 -1.92 -2.27 -0.71
N THR A 106 -1.74 -3.57 -0.45
CA THR A 106 -1.17 -4.35 -1.47
C THR A 106 -2.05 -5.60 -1.63
N VAL A 107 -2.24 -6.01 -2.86
CA VAL A 107 -2.93 -7.22 -3.23
C VAL A 107 -1.93 -8.27 -3.78
N LEU A 108 -1.92 -9.43 -3.20
CA LEU A 108 -1.00 -10.45 -3.57
C LEU A 108 -1.70 -11.76 -3.96
N ARG A 109 -1.47 -12.22 -5.15
CA ARG A 109 -1.98 -13.54 -5.49
C ARG A 109 -0.84 -14.49 -5.68
N THR A 110 -0.92 -15.64 -5.02
CA THR A 110 0.22 -16.62 -5.04
C THR A 110 -0.33 -17.92 -5.62
N ARG A 111 0.61 -18.83 -5.96
CA ARG A 111 0.25 -20.26 -6.39
C ARG A 111 1.48 -21.06 -6.13
N ASP A 112 1.33 -21.99 -5.17
CA ASP A 112 2.40 -22.95 -4.90
C ASP A 112 3.67 -22.26 -4.48
N GLY A 113 3.48 -21.22 -3.71
CA GLY A 113 4.66 -20.66 -3.14
C GLY A 113 5.25 -19.54 -4.01
N GLN A 114 4.75 -19.30 -5.19
CA GLN A 114 5.27 -18.25 -6.02
C GLN A 114 4.23 -17.16 -6.30
N ILE A 115 4.65 -15.95 -6.59
CA ILE A 115 3.74 -14.85 -6.82
C ILE A 115 3.25 -14.76 -8.26
N LEU A 116 1.94 -14.69 -8.46
CA LEU A 116 1.38 -14.53 -9.78
C LEU A 116 1.16 -13.02 -9.97
N LEU A 117 0.85 -12.32 -8.86
CA LEU A 117 0.48 -10.85 -9.02
C LEU A 117 0.80 -10.20 -7.70
N LEU A 118 1.61 -9.16 -7.75
CA LEU A 118 1.84 -8.25 -6.67
C LEU A 118 1.41 -6.86 -7.14
N ARG A 119 0.36 -6.35 -6.54
CA ARG A 119 -0.27 -5.12 -6.92
C ARG A 119 -0.18 -4.15 -5.78
N VAL A 120 0.73 -3.23 -5.94
CA VAL A 120 1.14 -2.37 -4.89
C VAL A 120 0.67 -0.92 -5.03
N PHE A 121 -0.27 -0.52 -4.12
CA PHE A 121 -0.90 0.84 -4.17
C PHE A 121 -0.08 1.63 -3.21
N TRP A 122 0.25 2.83 -3.58
CA TRP A 122 0.68 3.88 -2.69
C TRP A 122 0.46 5.28 -3.29
N ASN A 123 0.60 6.29 -2.46
CA ASN A 123 0.28 7.70 -2.87
C ASN A 123 1.49 8.29 -3.63
N PRO A 124 1.37 8.56 -4.94
CA PRO A 124 2.50 8.93 -5.74
C PRO A 124 2.94 10.40 -5.37
N LEU A 125 2.12 11.13 -4.60
CA LEU A 125 2.59 12.38 -3.96
C LEU A 125 3.71 12.22 -3.06
N ARG A 126 3.78 11.10 -2.38
CA ARG A 126 4.91 10.74 -1.54
C ARG A 126 6.22 10.64 -2.32
N ILE A 127 6.13 10.23 -3.55
CA ILE A 127 7.32 10.12 -4.39
C ILE A 127 7.68 11.54 -4.96
N LEU A 128 6.71 12.27 -5.45
CA LEU A 128 6.93 13.53 -6.12
C LEU A 128 7.54 14.49 -5.07
N GLU A 129 7.08 14.37 -3.82
CA GLU A 129 7.71 15.28 -2.74
C GLU A 129 9.13 14.96 -2.43
N ALA A 130 9.49 13.73 -2.53
CA ALA A 130 10.86 13.40 -2.20
C ALA A 130 11.76 13.44 -3.38
N ALA A 131 11.26 13.13 -4.57
CA ALA A 131 12.17 13.08 -5.72
C ALA A 131 12.00 14.17 -6.77
N GLY A 132 10.86 14.84 -6.74
CA GLY A 132 10.48 15.88 -7.61
C GLY A 132 9.77 15.45 -8.88
N SER B 3 -29.74 -6.47 6.93
CA SER B 3 -30.02 -7.47 5.81
C SER B 3 -29.09 -7.46 4.53
N MET B 4 -28.66 -6.34 3.99
CA MET B 4 -27.74 -6.39 2.88
C MET B 4 -26.33 -6.69 3.36
N ASN B 5 -25.58 -7.46 2.61
CA ASN B 5 -24.19 -7.63 2.88
C ASN B 5 -23.32 -6.50 2.30
N ALA B 6 -22.07 -6.56 2.63
CA ALA B 6 -21.12 -5.54 2.27
C ALA B 6 -20.95 -5.37 0.73
N LYS B 7 -20.91 -6.45 -0.02
CA LYS B 7 -20.81 -6.37 -1.46
C LYS B 7 -22.03 -5.61 -1.98
N GLU B 8 -23.20 -5.98 -1.48
CA GLU B 8 -24.49 -5.41 -1.86
C GLU B 8 -24.52 -3.91 -1.60
N ILE B 9 -24.13 -3.55 -0.41
CA ILE B 9 -24.15 -2.21 0.02
C ILE B 9 -23.15 -1.40 -0.79
N LEU B 10 -21.95 -1.91 -0.99
CA LEU B 10 -20.94 -1.13 -1.83
C LEU B 10 -21.59 -0.83 -3.18
N VAL B 11 -22.14 -1.81 -3.83
CA VAL B 11 -22.76 -1.58 -5.18
C VAL B 11 -23.89 -0.61 -5.13
N HIS B 12 -24.75 -0.83 -4.14
CA HIS B 12 -25.92 0.10 -4.00
C HIS B 12 -25.40 1.53 -3.79
N SER B 13 -24.36 1.65 -2.94
CA SER B 13 -23.79 2.95 -2.61
C SER B 13 -23.23 3.70 -3.86
N LEU B 14 -22.67 3.00 -4.82
CA LEU B 14 -22.19 3.62 -6.03
C LEU B 14 -23.32 4.18 -6.93
N ARG B 15 -24.43 3.47 -6.95
CA ARG B 15 -25.61 3.87 -7.68
C ARG B 15 -26.22 5.11 -7.07
N LEU B 16 -26.27 5.19 -5.76
CA LEU B 16 -26.71 6.38 -5.07
C LEU B 16 -25.91 7.60 -5.46
N LEU B 17 -24.61 7.45 -5.46
CA LEU B 17 -23.71 8.48 -5.92
C LEU B 17 -23.97 8.86 -7.36
N GLU B 18 -24.13 7.88 -8.24
CA GLU B 18 -24.46 8.16 -9.59
C GLU B 18 -25.74 8.95 -9.65
N ASN B 19 -26.67 8.72 -8.73
CA ASN B 19 -27.94 9.41 -8.82
C ASN B 19 -27.84 10.79 -8.21
N GLY B 20 -26.70 11.18 -7.64
CA GLY B 20 -26.71 12.40 -6.86
C GLY B 20 -27.40 12.37 -5.49
N ASP B 21 -27.72 11.17 -5.03
CA ASP B 21 -28.41 11.08 -3.76
C ASP B 21 -27.42 10.91 -2.59
N ALA B 22 -26.81 12.00 -2.18
CA ALA B 22 -25.90 12.01 -1.10
C ALA B 22 -26.56 11.80 0.25
N ARG B 23 -27.84 12.13 0.39
CA ARG B 23 -28.47 11.98 1.68
C ARG B 23 -28.72 10.53 1.89
N GLY B 24 -29.11 9.86 0.84
CA GLY B 24 -29.30 8.44 0.96
C GLY B 24 -28.00 7.65 1.04
N TRP B 25 -26.93 8.17 0.49
CA TRP B 25 -25.60 7.56 0.64
C TRP B 25 -25.15 7.62 2.09
N CYS B 26 -25.33 8.76 2.68
CA CYS B 26 -24.94 8.99 4.03
C CYS B 26 -25.80 8.20 5.00
N ASP B 27 -27.04 7.98 4.64
CA ASP B 27 -27.96 7.25 5.48
C ASP B 27 -27.65 5.78 5.55
N LEU B 28 -26.87 5.19 4.59
CA LEU B 28 -26.34 3.85 4.77
C LEU B 28 -25.36 3.78 5.92
N PHE B 29 -24.78 4.85 6.38
CA PHE B 29 -23.81 4.72 7.43
C PHE B 29 -24.49 4.50 8.77
N HIS B 30 -23.88 3.69 9.60
CA HIS B 30 -24.19 3.72 11.05
C HIS B 30 -24.09 5.14 11.63
N PRO B 31 -24.86 5.50 12.64
CA PRO B 31 -24.75 6.86 13.15
C PRO B 31 -23.34 7.22 13.54
N GLU B 32 -22.59 6.25 14.00
CA GLU B 32 -21.23 6.45 14.32
C GLU B 32 -20.29 5.84 13.26
N GLY B 33 -20.74 5.59 12.05
CA GLY B 33 -19.85 5.16 10.98
C GLY B 33 -18.71 6.09 10.57
N VAL B 34 -17.73 5.60 9.84
CA VAL B 34 -16.55 6.35 9.53
C VAL B 34 -16.28 6.27 8.04
N LEU B 35 -15.98 7.44 7.44
CA LEU B 35 -15.52 7.45 6.09
C LEU B 35 -14.05 7.84 6.12
N GLU B 36 -13.22 7.16 5.35
CA GLU B 36 -11.79 7.52 5.26
C GLU B 36 -11.32 7.68 3.82
N TYR B 37 -10.53 8.71 3.61
CA TYR B 37 -9.74 8.87 2.41
C TYR B 37 -8.25 8.81 2.72
N PRO B 38 -7.66 7.61 2.66
CA PRO B 38 -6.29 7.52 3.14
C PRO B 38 -5.27 8.32 2.34
N TYR B 39 -5.49 8.52 1.05
CA TYR B 39 -4.51 9.19 0.25
C TYR B 39 -4.83 10.67 -0.12
N ALA B 40 -5.68 11.29 0.64
CA ALA B 40 -6.04 12.69 0.41
C ALA B 40 -4.83 13.58 0.38
N PRO B 41 -4.91 14.66 -0.51
CA PRO B 41 -3.70 15.51 -0.52
C PRO B 41 -3.50 16.30 0.74
N PRO B 42 -2.22 16.84 0.78
CA PRO B 42 -1.91 17.57 2.01
C PRO B 42 -2.88 18.65 2.32
N GLY B 43 -3.31 18.65 3.55
CA GLY B 43 -4.24 19.64 4.04
C GLY B 43 -5.71 19.24 4.03
N TRP B 44 -6.07 18.17 3.34
CA TRP B 44 -7.43 17.75 3.27
C TRP B 44 -7.74 16.79 4.38
N LYS B 45 -8.97 16.80 4.85
CA LYS B 45 -9.42 15.74 5.79
C LYS B 45 -9.28 14.27 5.23
N THR B 46 -8.69 13.33 5.99
CA THR B 46 -8.55 11.96 5.49
C THR B 46 -9.60 11.13 6.28
N ARG B 47 -10.32 11.67 7.27
CA ARG B 47 -11.24 10.79 8.11
C ARG B 47 -12.48 11.54 8.52
N PHE B 48 -13.67 11.00 8.38
CA PHE B 48 -14.91 11.75 8.79
C PHE B 48 -15.65 10.81 9.70
N GLU B 49 -15.80 11.20 11.00
CA GLU B 49 -16.36 10.30 11.98
C GLU B 49 -17.75 10.70 12.36
N GLY B 50 -18.73 9.83 12.17
CA GLY B 50 -20.09 10.21 12.49
C GLY B 50 -20.90 10.43 11.23
N ARG B 51 -22.08 9.92 11.18
CA ARG B 51 -22.93 10.15 10.05
C ARG B 51 -23.09 11.63 9.72
N GLU B 52 -23.24 12.48 10.72
CA GLU B 52 -23.42 13.90 10.49
C GLU B 52 -22.23 14.58 9.84
N THR B 53 -21.03 14.21 10.23
CA THR B 53 -19.81 14.84 9.71
C THR B 53 -19.61 14.39 8.28
N ILE B 54 -20.02 13.14 8.00
CA ILE B 54 -19.99 12.54 6.67
C ILE B 54 -20.93 13.33 5.78
N TRP B 55 -22.13 13.55 6.22
CA TRP B 55 -23.11 14.30 5.46
C TRP B 55 -22.61 15.70 5.18
N ALA B 56 -21.93 16.31 6.11
CA ALA B 56 -21.57 17.67 5.91
C ALA B 56 -20.63 17.82 4.77
N HIS B 57 -19.75 16.86 4.63
CA HIS B 57 -18.74 16.81 3.59
C HIS B 57 -19.42 16.38 2.27
N MET B 58 -20.21 15.32 2.29
CA MET B 58 -20.83 14.78 1.10
C MET B 58 -22.01 15.54 0.47
N ARG B 59 -22.70 16.35 1.24
CA ARG B 59 -23.91 17.09 0.69
C ARG B 59 -23.48 18.18 -0.31
N LEU B 60 -22.21 18.56 -0.30
CA LEU B 60 -21.77 19.75 -1.01
C LEU B 60 -21.57 19.53 -2.52
N HIS B 61 -21.27 18.33 -3.00
CA HIS B 61 -20.85 18.17 -4.39
C HIS B 61 -21.87 17.83 -5.46
N PRO B 62 -23.01 17.14 -5.00
CA PRO B 62 -23.87 16.63 -6.07
C PRO B 62 -24.44 17.58 -7.15
N GLU B 63 -24.84 18.79 -6.82
CA GLU B 63 -25.36 19.78 -7.81
C GLU B 63 -24.20 20.16 -8.76
N HIS B 64 -22.92 19.96 -8.39
CA HIS B 64 -21.80 20.54 -9.15
C HIS B 64 -20.85 19.46 -9.75
N VAL B 65 -20.84 18.23 -9.23
CA VAL B 65 -19.96 17.20 -9.82
C VAL B 65 -20.78 15.94 -9.97
N THR B 66 -20.82 15.34 -11.12
CA THR B 66 -21.56 14.12 -11.28
C THR B 66 -20.61 12.95 -11.53
N TRP B 67 -21.10 11.74 -11.37
CA TRP B 67 -20.26 10.56 -11.34
C TRP B 67 -20.84 9.35 -12.01
N ARG B 68 -20.03 8.55 -12.67
CA ARG B 68 -20.45 7.23 -13.10
C ARG B 68 -19.38 6.20 -12.73
N PHE B 69 -19.77 5.03 -12.29
CA PHE B 69 -18.74 4.02 -11.88
C PHE B 69 -19.03 2.76 -12.63
N THR B 70 -17.96 2.04 -12.89
CA THR B 70 -17.97 0.68 -13.52
C THR B 70 -18.38 -0.39 -12.47
N ASP B 71 -18.74 -1.59 -12.93
CA ASP B 71 -19.06 -2.74 -12.00
C ASP B 71 -17.78 -2.94 -11.10
N VAL B 72 -17.99 -3.33 -9.87
CA VAL B 72 -16.90 -3.58 -8.94
C VAL B 72 -16.36 -4.98 -9.19
N GLN B 73 -15.06 -5.13 -9.10
CA GLN B 73 -14.40 -6.40 -9.04
C GLN B 73 -14.02 -6.67 -7.60
N PHE B 74 -14.63 -7.64 -6.96
CA PHE B 74 -14.39 -7.85 -5.58
C PHE B 74 -13.30 -8.87 -5.35
N TYR B 75 -12.64 -8.77 -4.24
CA TYR B 75 -11.81 -9.86 -3.71
C TYR B 75 -12.52 -10.61 -2.66
N GLU B 76 -12.56 -11.95 -2.74
CA GLU B 76 -13.46 -12.66 -1.76
C GLU B 76 -13.04 -12.68 -0.35
N THR B 77 -13.97 -12.53 0.59
CA THR B 77 -13.57 -12.53 1.96
C THR B 77 -14.18 -13.64 2.64
N ALA B 78 -13.68 -13.86 3.84
CA ALA B 78 -14.22 -14.89 4.71
C ALA B 78 -15.51 -14.48 5.35
N ASP B 79 -15.80 -13.19 5.39
CA ASP B 79 -16.90 -12.64 6.15
C ASP B 79 -17.74 -11.69 5.33
N PRO B 80 -19.10 -12.03 5.27
CA PRO B 80 -19.89 -11.22 4.34
C PRO B 80 -20.07 -9.78 4.76
N ASP B 81 -19.76 -9.46 5.98
CA ASP B 81 -19.71 -8.06 6.41
C ASP B 81 -18.44 -7.36 6.13
N LEU B 82 -17.55 -7.98 5.35
CA LEU B 82 -16.31 -7.25 4.93
C LEU B 82 -16.24 -7.36 3.43
N ALA B 83 -16.13 -6.26 2.72
CA ALA B 83 -15.87 -6.30 1.31
C ALA B 83 -14.69 -5.45 0.90
N ILE B 84 -13.96 -5.94 -0.07
CA ILE B 84 -12.92 -5.23 -0.71
C ILE B 84 -13.08 -5.33 -2.22
N GLY B 85 -13.04 -4.20 -2.87
CA GLY B 85 -13.42 -4.10 -4.25
C GLY B 85 -12.71 -3.07 -5.09
N GLU B 86 -12.55 -3.30 -6.40
CA GLU B 86 -11.88 -2.23 -7.24
C GLU B 86 -12.87 -1.77 -8.28
N TYR B 87 -12.79 -0.47 -8.68
CA TYR B 87 -13.72 0.00 -9.66
C TYR B 87 -13.17 1.35 -10.12
N HIS B 88 -13.68 1.80 -11.24
CA HIS B 88 -13.30 3.06 -11.88
C HIS B 88 -14.48 4.02 -11.77
N GLY B 89 -14.20 5.35 -11.55
CA GLY B 89 -15.22 6.39 -11.55
C GLY B 89 -14.77 7.46 -12.59
N ASP B 90 -15.72 8.04 -13.33
CA ASP B 90 -15.49 9.17 -14.22
C ASP B 90 -16.37 10.22 -13.63
N GLY B 91 -15.82 11.36 -13.30
CA GLY B 91 -16.59 12.47 -12.84
C GLY B 91 -16.54 13.66 -13.74
N VAL B 92 -17.59 14.46 -13.69
CA VAL B 92 -17.58 15.72 -14.46
C VAL B 92 -17.86 16.94 -13.55
N VAL B 93 -17.06 17.96 -13.65
CA VAL B 93 -17.39 19.18 -12.98
C VAL B 93 -18.32 19.91 -13.95
N THR B 94 -19.56 20.05 -13.56
CA THR B 94 -20.56 20.57 -14.46
C THR B 94 -20.28 21.91 -15.13
N VAL B 95 -20.01 22.99 -14.38
CA VAL B 95 -19.73 24.28 -14.99
C VAL B 95 -18.58 24.31 -16.05
N SER B 96 -17.50 23.55 -15.90
CA SER B 96 -16.43 23.54 -16.92
C SER B 96 -16.51 22.29 -17.88
N GLY B 97 -17.17 21.21 -17.51
CA GLY B 97 -17.01 19.97 -18.31
C GLY B 97 -15.72 19.24 -18.03
N GLY B 98 -14.90 19.76 -17.10
CA GLY B 98 -13.69 19.12 -16.59
C GLY B 98 -14.00 17.73 -16.08
N LYS B 99 -13.13 16.80 -16.43
CA LYS B 99 -13.30 15.38 -16.19
C LYS B 99 -12.26 14.88 -15.20
N TYR B 100 -12.70 13.90 -14.41
CA TYR B 100 -11.83 13.15 -13.45
C TYR B 100 -11.94 11.73 -13.84
N ALA B 101 -10.82 11.01 -13.84
CA ALA B 101 -10.80 9.60 -14.13
C ALA B 101 -9.98 8.93 -12.99
N ALA B 102 -10.66 8.10 -12.17
CA ALA B 102 -10.08 7.61 -10.92
C ALA B 102 -10.35 6.09 -10.86
N ASP B 103 -9.34 5.36 -10.36
CA ASP B 103 -9.37 3.96 -10.05
C ASP B 103 -9.34 3.85 -8.56
N TYR B 104 -10.31 3.11 -8.03
CA TYR B 104 -10.50 2.98 -6.60
C TYR B 104 -10.21 1.63 -6.13
N ILE B 105 -9.65 1.54 -4.91
CA ILE B 105 -9.78 0.25 -4.18
C ILE B 105 -10.32 0.64 -2.81
N THR B 106 -11.34 -0.07 -2.46
CA THR B 106 -12.09 0.32 -1.30
C THR B 106 -12.39 -0.85 -0.36
N VAL B 107 -12.25 -0.58 0.90
CA VAL B 107 -12.51 -1.50 1.94
C VAL B 107 -13.80 -1.07 2.64
N LEU B 108 -14.73 -1.97 2.79
CA LEU B 108 -16.00 -1.67 3.42
C LEU B 108 -16.38 -2.63 4.53
N ARG B 109 -16.59 -2.14 5.75
CA ARG B 109 -17.07 -3.04 6.80
C ARG B 109 -18.47 -2.70 7.17
N THR B 110 -19.38 -3.72 7.35
CA THR B 110 -20.78 -3.43 7.51
C THR B 110 -21.30 -4.19 8.74
N ARG B 111 -22.47 -3.81 9.29
CA ARG B 111 -23.16 -4.62 10.34
C ARG B 111 -24.68 -4.37 10.28
N ASP B 112 -25.47 -5.41 10.19
CA ASP B 112 -26.93 -5.33 10.02
C ASP B 112 -27.26 -4.31 8.98
N GLY B 113 -26.53 -4.25 7.85
CA GLY B 113 -27.02 -3.42 6.81
C GLY B 113 -26.55 -2.01 6.90
N GLN B 114 -25.79 -1.65 7.92
CA GLN B 114 -25.29 -0.33 7.98
C GLN B 114 -23.77 -0.34 7.80
N ILE B 115 -23.22 0.76 7.33
CA ILE B 115 -21.78 0.90 7.13
C ILE B 115 -21.02 1.34 8.40
N LEU B 116 -20.04 0.57 8.87
CA LEU B 116 -19.22 1.03 9.97
C LEU B 116 -18.03 1.75 9.45
N LEU B 117 -17.53 1.31 8.32
CA LEU B 117 -16.32 1.86 7.82
C LEU B 117 -16.34 1.76 6.28
N LEU B 118 -16.08 2.83 5.61
CA LEU B 118 -15.84 2.90 4.21
C LEU B 118 -14.51 3.60 3.99
N ARG B 119 -13.54 2.84 3.51
CA ARG B 119 -12.20 3.30 3.40
C ARG B 119 -11.86 3.35 1.95
N VAL B 120 -11.80 4.52 1.38
CA VAL B 120 -11.73 4.68 -0.05
C VAL B 120 -10.37 5.18 -0.54
N PHE B 121 -9.59 4.32 -1.19
CA PHE B 121 -8.30 4.72 -1.81
C PHE B 121 -8.51 5.21 -3.19
N TRP B 122 -7.82 6.28 -3.56
CA TRP B 122 -7.81 6.90 -4.88
C TRP B 122 -6.51 7.66 -5.08
N ASN B 123 -6.08 7.80 -6.31
CA ASN B 123 -4.82 8.52 -6.58
C ASN B 123 -5.12 10.02 -6.58
N PRO B 124 -4.60 10.75 -5.58
CA PRO B 124 -5.00 12.13 -5.60
C PRO B 124 -4.44 12.94 -6.78
N LEU B 125 -3.40 12.48 -7.49
CA LEU B 125 -2.99 13.19 -8.77
C LEU B 125 -4.07 13.27 -9.86
N ARG B 126 -5.06 12.39 -9.79
CA ARG B 126 -6.14 12.28 -10.76
C ARG B 126 -7.30 13.31 -10.49
N ILE B 127 -7.31 13.87 -9.30
CA ILE B 127 -8.14 15.06 -8.85
C ILE B 127 -7.45 16.44 -8.91
N LEU B 128 -6.18 16.43 -8.59
CA LEU B 128 -5.29 17.60 -8.60
C LEU B 128 -4.67 17.63 -10.03
N SER C 3 9.18 31.61 -35.21
CA SER C 3 10.21 31.32 -36.22
C SER C 3 11.62 31.39 -35.62
N MET C 4 11.83 30.93 -34.40
CA MET C 4 13.18 30.66 -33.85
C MET C 4 13.76 29.40 -34.54
N ASN C 5 15.06 29.35 -34.73
CA ASN C 5 15.75 28.18 -35.19
C ASN C 5 15.99 27.19 -34.03
N ALA C 6 16.56 26.03 -34.29
CA ALA C 6 16.72 25.00 -33.29
C ALA C 6 17.62 25.41 -32.10
N LYS C 7 18.75 26.04 -32.38
CA LYS C 7 19.60 26.59 -31.36
C LYS C 7 18.81 27.51 -30.44
N GLU C 8 18.05 28.40 -31.03
CA GLU C 8 17.34 29.42 -30.30
C GLU C 8 16.27 28.77 -29.45
N ILE C 9 15.60 27.80 -30.03
CA ILE C 9 14.52 27.16 -29.30
C ILE C 9 15.07 26.29 -28.09
N LEU C 10 16.17 25.59 -28.21
CA LEU C 10 16.68 24.76 -27.10
C LEU C 10 17.09 25.76 -25.95
N VAL C 11 17.81 26.83 -26.24
CA VAL C 11 18.15 27.82 -25.21
C VAL C 11 16.89 28.36 -24.55
N HIS C 12 15.97 28.84 -25.33
CA HIS C 12 14.69 29.34 -24.78
C HIS C 12 13.92 28.26 -23.94
N SER C 13 14.00 26.96 -24.36
CA SER C 13 13.20 25.95 -23.71
C SER C 13 13.84 25.73 -22.30
N LEU C 14 15.14 25.90 -22.18
CA LEU C 14 15.85 25.74 -20.84
C LEU C 14 15.51 26.88 -19.90
N ARG C 15 15.54 28.11 -20.42
CA ARG C 15 14.96 29.26 -19.70
C ARG C 15 13.55 29.04 -19.16
N LEU C 16 12.67 28.50 -19.98
CA LEU C 16 11.35 28.27 -19.51
C LEU C 16 11.32 27.25 -18.33
N LEU C 17 12.17 26.24 -18.43
CA LEU C 17 12.26 25.24 -17.38
C LEU C 17 12.79 25.90 -16.11
N GLU C 18 13.73 26.81 -16.26
CA GLU C 18 14.35 27.47 -15.15
C GLU C 18 13.28 28.32 -14.46
N ASN C 19 12.31 28.76 -15.21
CA ASN C 19 11.28 29.54 -14.66
C ASN C 19 10.17 28.73 -14.11
N GLY C 20 10.27 27.40 -14.15
CA GLY C 20 9.18 26.56 -13.78
C GLY C 20 7.96 26.75 -14.63
N ASP C 21 8.13 27.27 -15.87
CA ASP C 21 6.96 27.43 -16.78
C ASP C 21 6.74 26.17 -17.66
N ALA C 22 6.19 25.13 -17.05
CA ALA C 22 5.98 23.86 -17.71
C ALA C 22 5.01 24.00 -18.83
N ARG C 23 4.08 24.90 -18.67
CA ARG C 23 3.02 25.07 -19.65
C ARG C 23 3.59 25.73 -20.87
N GLY C 24 4.45 26.71 -20.69
CA GLY C 24 5.03 27.38 -21.88
C GLY C 24 6.00 26.38 -22.60
N TRP C 25 6.66 25.55 -21.78
CA TRP C 25 7.64 24.70 -22.27
C TRP C 25 6.98 23.64 -23.18
N CYS C 26 5.89 23.01 -22.70
CA CYS C 26 5.08 22.11 -23.53
C CYS C 26 4.55 22.77 -24.80
N ASP C 27 4.23 24.04 -24.72
CA ASP C 27 3.66 24.72 -25.84
C ASP C 27 4.64 24.97 -26.98
N LEU C 28 5.94 24.94 -26.73
CA LEU C 28 6.90 25.01 -27.82
C LEU C 28 6.81 23.75 -28.68
N PHE C 29 6.14 22.70 -28.21
CA PHE C 29 6.21 21.45 -29.01
C PHE C 29 5.07 21.59 -30.04
N HIS C 30 5.33 21.15 -31.24
CA HIS C 30 4.25 20.83 -32.20
C HIS C 30 3.20 19.97 -31.55
N PRO C 31 1.92 20.16 -31.92
CA PRO C 31 0.87 19.25 -31.43
C PRO C 31 1.22 17.72 -31.46
N GLU C 32 1.94 17.23 -32.47
CA GLU C 32 2.44 15.80 -32.52
C GLU C 32 3.91 15.70 -32.22
N GLY C 33 4.44 16.65 -31.50
CA GLY C 33 5.86 16.71 -31.18
C GLY C 33 6.24 15.59 -30.20
N VAL C 34 7.54 15.25 -30.11
CA VAL C 34 7.92 14.03 -29.36
C VAL C 34 9.14 14.38 -28.42
N LEU C 35 9.04 13.92 -27.17
CA LEU C 35 10.04 13.98 -26.18
C LEU C 35 10.62 12.58 -25.91
N GLU C 36 11.93 12.51 -25.95
CA GLU C 36 12.54 11.23 -25.70
C GLU C 36 13.56 11.35 -24.62
N TYR C 37 13.64 10.31 -23.79
CA TYR C 37 14.71 10.09 -22.83
C TYR C 37 15.34 8.72 -23.13
N PRO C 38 16.25 8.64 -24.10
CA PRO C 38 16.80 7.36 -24.52
C PRO C 38 17.49 6.61 -23.39
N TYR C 39 18.01 7.28 -22.39
CA TYR C 39 18.66 6.57 -21.32
C TYR C 39 17.85 6.45 -20.03
N ALA C 40 16.56 6.61 -20.08
CA ALA C 40 15.76 6.42 -18.89
C ALA C 40 15.87 5.02 -18.30
N PRO C 41 15.94 4.96 -16.90
CA PRO C 41 15.91 3.61 -16.36
C PRO C 41 14.64 2.80 -16.60
N PRO C 42 14.81 1.43 -16.40
CA PRO C 42 13.62 0.63 -16.69
C PRO C 42 12.58 0.94 -15.67
N GLY C 43 11.36 0.97 -16.11
CA GLY C 43 10.27 1.39 -15.28
C GLY C 43 9.88 2.81 -15.56
N TRP C 44 10.73 3.52 -16.26
CA TRP C 44 10.41 4.83 -16.71
C TRP C 44 10.10 4.76 -18.17
N LYS C 45 9.20 5.59 -18.59
CA LYS C 45 8.90 5.80 -19.97
C LYS C 45 10.10 6.52 -20.66
N THR C 46 10.45 6.07 -21.84
CA THR C 46 11.46 6.69 -22.62
C THR C 46 10.95 7.60 -23.71
N ARG C 47 9.66 7.67 -23.95
CA ARG C 47 9.15 8.47 -25.04
C ARG C 47 7.81 9.04 -24.75
N PHE C 48 7.57 10.28 -25.16
CA PHE C 48 6.27 10.83 -24.91
C PHE C 48 5.81 11.47 -26.21
N GLU C 49 4.69 11.03 -26.72
CA GLU C 49 4.27 11.52 -28.07
C GLU C 49 3.10 12.37 -27.95
N GLY C 50 3.17 13.52 -28.52
CA GLY C 50 2.09 14.45 -28.53
C GLY C 50 2.16 15.46 -27.42
N ARG C 51 1.79 16.68 -27.70
CA ARG C 51 1.88 17.75 -26.74
C ARG C 51 1.10 17.52 -25.43
N GLU C 52 -0.09 16.93 -25.51
CA GLU C 52 -0.90 16.70 -24.37
C GLU C 52 -0.20 15.68 -23.53
N THR C 53 0.40 14.66 -24.18
CA THR C 53 1.00 13.60 -23.36
C THR C 53 2.27 14.14 -22.66
N ILE C 54 3.02 15.01 -23.36
CA ILE C 54 4.14 15.72 -22.82
C ILE C 54 3.76 16.55 -21.61
N TRP C 55 2.70 17.32 -21.74
CA TRP C 55 2.18 18.11 -20.68
C TRP C 55 1.71 17.22 -19.48
N ALA C 56 0.99 16.12 -19.72
CA ALA C 56 0.61 15.30 -18.59
C ALA C 56 1.87 14.81 -17.73
N HIS C 57 3.01 14.55 -18.35
CA HIS C 57 4.24 14.18 -17.70
C HIS C 57 4.84 15.42 -16.94
N MET C 58 5.04 16.53 -17.62
CA MET C 58 5.80 17.70 -17.05
C MET C 58 5.00 18.59 -16.04
N ARG C 59 3.67 18.65 -16.17
CA ARG C 59 2.87 19.54 -15.29
C ARG C 59 3.07 19.34 -13.78
N LEU C 60 3.38 18.18 -13.31
CA LEU C 60 3.51 17.89 -11.85
C LEU C 60 4.83 18.39 -11.24
N HIS C 61 5.84 18.48 -12.07
CA HIS C 61 7.18 18.69 -11.47
C HIS C 61 7.61 20.05 -11.00
N PRO C 62 7.15 21.14 -11.58
CA PRO C 62 7.65 22.44 -11.21
C PRO C 62 7.40 22.82 -9.79
N GLU C 63 6.28 22.39 -9.26
CA GLU C 63 5.95 22.59 -7.79
C GLU C 63 6.85 21.77 -6.87
N HIS C 64 7.65 20.82 -7.37
CA HIS C 64 8.36 19.96 -6.50
C HIS C 64 9.90 20.00 -6.67
N VAL C 65 10.34 20.48 -7.81
CA VAL C 65 11.77 20.47 -8.11
C VAL C 65 12.07 21.71 -9.03
N THR C 66 13.19 22.38 -8.84
CA THR C 66 13.50 23.53 -9.67
C THR C 66 14.87 23.27 -10.33
N TRP C 67 15.13 23.87 -11.47
CA TRP C 67 16.26 23.53 -12.31
C TRP C 67 17.11 24.72 -12.71
N ARG C 68 18.39 24.52 -12.90
CA ARG C 68 19.23 25.49 -13.52
C ARG C 68 20.24 24.84 -14.46
N PHE C 69 20.31 25.40 -15.65
CA PHE C 69 21.09 24.92 -16.72
C PHE C 69 22.27 25.87 -17.06
N THR C 70 23.42 25.32 -17.41
CA THR C 70 24.56 26.16 -17.89
C THR C 70 24.43 26.60 -19.36
N ASP C 71 25.53 27.10 -19.96
CA ASP C 71 25.40 27.66 -21.36
C ASP C 71 25.50 26.43 -22.28
N VAL C 72 24.63 26.33 -23.30
CA VAL C 72 24.72 25.20 -24.21
C VAL C 72 25.96 25.41 -25.06
N GLN C 73 26.75 24.37 -25.28
CA GLN C 73 27.81 24.37 -26.25
C GLN C 73 27.22 23.57 -27.47
N PHE C 74 26.98 24.21 -28.57
CA PHE C 74 26.48 23.61 -29.76
C PHE C 74 27.55 23.00 -30.69
N TYR C 75 27.32 21.81 -31.20
CA TYR C 75 28.05 21.36 -32.44
C TYR C 75 27.40 21.93 -33.72
N GLU C 76 28.20 22.38 -34.67
CA GLU C 76 27.58 23.06 -35.82
C GLU C 76 26.95 22.01 -36.74
N THR C 77 25.70 22.15 -36.99
CA THR C 77 25.01 21.25 -37.93
C THR C 77 24.87 21.91 -39.32
N ALA C 78 24.30 21.16 -40.25
CA ALA C 78 24.11 21.66 -41.63
C ALA C 78 22.74 22.15 -41.86
N ASP C 79 21.90 22.08 -40.85
CA ASP C 79 20.52 22.44 -40.93
C ASP C 79 20.09 23.31 -39.77
N PRO C 80 19.52 24.54 -40.14
CA PRO C 80 19.12 25.37 -39.01
C PRO C 80 18.03 24.75 -38.13
N ASP C 81 17.29 23.82 -38.69
CA ASP C 81 16.29 23.05 -37.92
C ASP C 81 16.75 21.83 -37.12
N LEU C 82 18.05 21.73 -36.90
CA LEU C 82 18.65 20.60 -36.20
C LEU C 82 19.68 21.20 -35.33
N ALA C 83 19.51 21.01 -34.00
CA ALA C 83 20.53 21.37 -33.06
C ALA C 83 20.97 20.20 -32.16
N ILE C 84 22.24 20.14 -31.88
CA ILE C 84 22.80 19.17 -31.04
C ILE C 84 23.72 19.91 -30.09
N GLY C 85 23.44 19.79 -28.80
CA GLY C 85 24.06 20.70 -27.80
C GLY C 85 24.40 19.87 -26.53
N GLU C 86 25.48 20.23 -25.87
CA GLU C 86 25.82 19.78 -24.49
C GLU C 86 25.59 20.87 -23.45
N TYR C 87 25.07 20.51 -22.26
CA TYR C 87 25.04 21.49 -21.18
C TYR C 87 25.02 20.68 -19.88
N HIS C 88 25.04 21.41 -18.78
CA HIS C 88 24.92 20.82 -17.43
C HIS C 88 23.56 21.27 -16.78
N GLY C 89 22.89 20.43 -15.97
CA GLY C 89 21.77 21.00 -15.15
C GLY C 89 21.89 20.64 -13.70
N ASP C 90 21.37 21.49 -12.79
CA ASP C 90 21.36 21.17 -11.36
C ASP C 90 19.93 21.37 -10.92
N GLY C 91 19.41 20.37 -10.26
CA GLY C 91 18.08 20.40 -9.79
C GLY C 91 18.09 20.37 -8.30
N VAL C 92 17.09 21.00 -7.72
CA VAL C 92 16.95 21.00 -6.27
C VAL C 92 15.49 20.55 -5.99
N VAL C 93 15.30 19.52 -5.13
CA VAL C 93 13.93 19.00 -4.83
C VAL C 93 13.44 20.01 -3.76
N THR C 94 12.34 20.66 -3.97
CA THR C 94 11.91 21.75 -3.13
C THR C 94 11.77 21.39 -1.63
N VAL C 95 11.06 20.33 -1.31
CA VAL C 95 10.82 19.97 0.08
C VAL C 95 12.06 19.60 0.86
N SER C 96 12.99 18.94 0.20
CA SER C 96 14.16 18.30 0.74
C SER C 96 15.36 19.18 0.72
N GLY C 97 15.48 19.94 -0.34
CA GLY C 97 16.79 20.49 -0.75
C GLY C 97 17.67 19.45 -1.46
N GLY C 98 17.21 18.21 -1.61
CA GLY C 98 18.02 17.22 -2.31
C GLY C 98 18.45 17.55 -3.76
N LYS C 99 19.64 17.11 -4.14
CA LYS C 99 20.32 17.64 -5.36
C LYS C 99 20.38 16.66 -6.51
N TYR C 100 20.13 17.13 -7.78
CA TYR C 100 20.40 16.32 -8.99
C TYR C 100 21.44 17.12 -9.75
N ALA C 101 22.39 16.45 -10.34
CA ALA C 101 23.39 17.10 -11.14
C ALA C 101 23.47 16.27 -12.40
N ALA C 102 23.40 16.89 -13.55
CA ALA C 102 23.38 16.07 -14.81
C ALA C 102 24.11 16.79 -15.96
N ASP C 103 24.74 16.00 -16.78
CA ASP C 103 25.34 16.49 -18.05
C ASP C 103 24.65 15.92 -19.26
N TYR C 104 24.12 16.80 -20.09
CA TYR C 104 23.23 16.39 -21.12
C TYR C 104 23.94 16.44 -22.47
N ILE C 105 23.56 15.56 -23.38
CA ILE C 105 23.71 15.89 -24.82
C ILE C 105 22.32 15.73 -25.37
N THR C 106 21.89 16.68 -26.16
CA THR C 106 20.48 16.73 -26.58
C THR C 106 20.38 16.96 -28.07
N VAL C 107 19.44 16.30 -28.72
CA VAL C 107 19.23 16.51 -30.14
C VAL C 107 17.88 17.11 -30.22
N LEU C 108 17.75 18.16 -30.97
CA LEU C 108 16.52 18.86 -31.14
C LEU C 108 16.17 19.15 -32.62
N ARG C 109 14.97 18.83 -33.04
CA ARG C 109 14.51 19.09 -34.37
C ARG C 109 13.32 20.02 -34.35
N THR C 110 13.33 21.06 -35.16
CA THR C 110 12.20 21.95 -35.16
C THR C 110 11.63 22.05 -36.50
N ARG C 111 10.44 22.59 -36.56
CA ARG C 111 9.96 23.02 -37.88
C ARG C 111 9.09 24.21 -37.68
N ASP C 112 9.42 25.31 -38.39
CA ASP C 112 8.64 26.53 -38.21
C ASP C 112 8.55 26.92 -36.82
N GLY C 113 9.62 26.89 -36.05
CA GLY C 113 9.49 27.44 -34.73
C GLY C 113 8.85 26.58 -33.66
N GLN C 114 8.44 25.37 -33.96
CA GLN C 114 7.90 24.46 -32.96
C GLN C 114 8.76 23.13 -32.88
N ILE C 115 8.81 22.50 -31.72
CA ILE C 115 9.54 21.25 -31.54
C ILE C 115 8.89 19.97 -32.09
N LEU C 116 9.60 19.35 -32.98
CA LEU C 116 9.24 18.05 -33.47
C LEU C 116 9.81 16.91 -32.64
N LEU C 117 11.04 17.09 -32.22
CA LEU C 117 11.69 16.15 -31.36
C LEU C 117 12.70 16.81 -30.51
N LEU C 118 12.57 16.49 -29.23
CA LEU C 118 13.54 16.76 -28.20
C LEU C 118 14.09 15.45 -27.61
N ARG C 119 15.33 15.07 -27.88
CA ARG C 119 15.74 13.82 -27.48
C ARG C 119 16.90 14.02 -26.54
N VAL C 120 16.65 13.73 -25.27
CA VAL C 120 17.64 14.27 -24.24
C VAL C 120 18.30 13.09 -23.54
N PHE C 121 19.62 12.91 -23.77
CA PHE C 121 20.44 12.00 -23.14
C PHE C 121 20.95 12.58 -21.76
N TRP C 122 20.84 11.81 -20.73
CA TRP C 122 21.65 12.00 -19.52
C TRP C 122 21.97 10.70 -18.80
N ASN C 123 22.87 10.77 -17.81
CA ASN C 123 23.36 9.52 -17.21
C ASN C 123 22.29 9.14 -16.18
N PRO C 124 21.49 8.05 -16.41
CA PRO C 124 20.52 7.70 -15.33
C PRO C 124 21.12 7.37 -13.93
N LEU C 125 22.42 7.02 -13.81
CA LEU C 125 23.03 6.75 -12.44
C LEU C 125 22.92 8.02 -11.62
N ARG C 126 22.95 9.20 -12.20
CA ARG C 126 22.74 10.43 -11.47
C ARG C 126 21.34 10.57 -10.84
N ILE C 127 20.32 9.97 -11.41
CA ILE C 127 18.97 10.07 -10.92
C ILE C 127 18.92 8.95 -9.84
N LEU C 128 19.40 7.76 -10.15
CA LEU C 128 19.39 6.65 -9.15
C LEU C 128 20.11 7.04 -7.81
N GLU C 129 21.24 7.72 -7.94
CA GLU C 129 22.03 8.20 -6.74
C GLU C 129 21.28 9.19 -5.90
N ALA C 130 20.57 10.12 -6.50
CA ALA C 130 19.79 11.08 -5.74
C ALA C 130 18.38 10.64 -5.33
N ALA C 131 17.69 9.80 -6.09
CA ALA C 131 16.31 9.45 -5.75
C ALA C 131 16.10 7.99 -5.44
N GLY C 132 17.13 7.21 -5.70
CA GLY C 132 17.14 5.82 -5.42
C GLY C 132 16.67 4.96 -6.56
N GLY D 1 4.85 -17.84 11.64
CA GLY D 1 5.63 -16.60 11.52
C GLY D 1 4.84 -15.34 11.89
N SER D 2 5.49 -14.20 11.71
CA SER D 2 4.94 -12.92 12.03
C SER D 2 3.73 -12.51 11.24
N SER D 3 3.24 -13.33 10.32
CA SER D 3 2.03 -12.92 9.64
C SER D 3 0.76 -13.48 10.37
N MET D 4 0.92 -14.29 11.41
CA MET D 4 -0.24 -14.90 12.14
C MET D 4 -0.97 -13.78 12.89
N ASN D 5 -2.28 -13.62 12.76
CA ASN D 5 -2.97 -12.59 13.67
C ASN D 5 -3.31 -13.27 15.07
N ALA D 6 -3.90 -12.50 15.98
CA ALA D 6 -4.26 -12.95 17.28
C ALA D 6 -5.27 -14.13 17.20
N LYS D 7 -6.26 -14.10 16.33
CA LYS D 7 -7.23 -15.17 16.17
C LYS D 7 -6.56 -16.50 15.76
N GLU D 8 -5.74 -16.45 14.73
CA GLU D 8 -4.93 -17.55 14.33
C GLU D 8 -4.00 -18.11 15.38
N ILE D 9 -3.39 -17.25 16.15
CA ILE D 9 -2.43 -17.80 17.11
C ILE D 9 -3.31 -18.41 18.31
N LEU D 10 -4.49 -17.89 18.59
CA LEU D 10 -5.29 -18.47 19.65
C LEU D 10 -5.66 -19.87 19.30
N VAL D 11 -6.13 -20.06 18.08
CA VAL D 11 -6.59 -21.34 17.61
C VAL D 11 -5.42 -22.34 17.55
N HIS D 12 -4.29 -21.86 17.09
CA HIS D 12 -3.10 -22.68 16.99
C HIS D 12 -2.64 -23.14 18.39
N SER D 13 -2.63 -22.22 19.33
CA SER D 13 -2.28 -22.52 20.73
C SER D 13 -3.16 -23.64 21.33
N LEU D 14 -4.43 -23.69 20.99
CA LEU D 14 -5.36 -24.67 21.53
C LEU D 14 -5.11 -26.01 20.92
N ARG D 15 -4.71 -25.96 19.68
CA ARG D 15 -4.33 -27.11 18.92
C ARG D 15 -3.09 -27.74 19.54
N LEU D 16 -2.13 -26.94 19.90
CA LEU D 16 -0.92 -27.43 20.51
C LEU D 16 -1.17 -28.08 21.86
N LEU D 17 -2.11 -27.59 22.62
CA LEU D 17 -2.49 -28.18 23.88
C LEU D 17 -3.23 -29.50 23.68
N GLU D 18 -3.95 -29.59 22.61
CA GLU D 18 -4.67 -30.77 22.28
C GLU D 18 -3.66 -31.86 21.92
N ASN D 19 -2.48 -31.49 21.46
CA ASN D 19 -1.50 -32.50 20.97
C ASN D 19 -0.54 -32.86 22.05
N GLY D 20 -0.73 -32.21 23.21
CA GLY D 20 0.08 -32.54 24.34
C GLY D 20 1.45 -31.88 24.18
N ASP D 21 1.53 -30.80 23.38
CA ASP D 21 2.78 -30.10 23.08
C ASP D 21 2.99 -28.85 23.89
N ALA D 22 3.35 -29.00 25.16
CA ALA D 22 3.42 -27.91 26.08
C ALA D 22 4.68 -27.07 25.85
N ARG D 23 5.73 -27.72 25.35
CA ARG D 23 6.91 -27.00 24.88
C ARG D 23 6.51 -26.04 23.73
N GLY D 24 5.83 -26.55 22.72
CA GLY D 24 5.36 -25.72 21.57
C GLY D 24 4.49 -24.54 21.95
N TRP D 25 3.62 -24.78 22.94
CA TRP D 25 2.72 -23.77 23.44
C TRP D 25 3.48 -22.67 24.19
N CYS D 26 4.36 -23.01 25.10
CA CYS D 26 5.19 -22.02 25.72
C CYS D 26 6.06 -21.38 24.66
N ASP D 27 6.48 -22.10 23.64
CA ASP D 27 7.31 -21.41 22.62
C ASP D 27 6.61 -20.30 21.85
N LEU D 28 5.29 -20.11 22.10
CA LEU D 28 4.52 -19.20 21.32
C LEU D 28 4.57 -17.90 21.99
N PHE D 29 5.02 -17.90 23.25
CA PHE D 29 5.06 -16.65 23.93
C PHE D 29 6.32 -15.85 23.62
N HIS D 30 6.16 -14.56 23.41
CA HIS D 30 7.31 -13.72 23.54
C HIS D 30 8.19 -14.06 24.76
N PRO D 31 9.53 -13.79 24.67
CA PRO D 31 10.29 -14.15 25.86
C PRO D 31 9.81 -13.39 27.10
N GLU D 32 9.27 -12.20 26.93
CA GLU D 32 8.79 -11.45 28.09
C GLU D 32 7.24 -11.52 28.22
N GLY D 33 6.60 -12.46 27.52
CA GLY D 33 5.12 -12.47 27.47
C GLY D 33 4.54 -12.98 28.79
N VAL D 34 3.23 -12.71 29.02
CA VAL D 34 2.64 -12.99 30.29
C VAL D 34 1.38 -13.92 30.05
N LEU D 35 1.04 -14.73 31.03
CA LEU D 35 -0.09 -15.66 31.07
C LEU D 35 -0.79 -15.27 32.31
N GLU D 36 -2.08 -15.01 32.27
CA GLU D 36 -2.82 -14.64 33.45
C GLU D 36 -4.05 -15.48 33.64
N TYR D 37 -4.28 -15.89 34.86
CA TYR D 37 -5.52 -16.62 35.15
C TYR D 37 -6.22 -15.75 36.16
N PRO D 38 -7.01 -14.84 35.72
CA PRO D 38 -7.53 -13.82 36.69
C PRO D 38 -8.48 -14.35 37.77
N TYR D 39 -9.11 -15.50 37.54
CA TYR D 39 -10.10 -16.01 38.51
C TYR D 39 -9.57 -17.26 39.17
N ALA D 40 -8.26 -17.53 39.12
CA ALA D 40 -7.77 -18.76 39.73
C ALA D 40 -8.12 -18.83 41.27
N PRO D 41 -8.25 -20.01 41.85
CA PRO D 41 -8.74 -20.04 43.25
C PRO D 41 -7.67 -19.60 44.28
N PRO D 42 -8.09 -19.26 45.53
CA PRO D 42 -7.04 -18.75 46.48
C PRO D 42 -5.82 -19.68 46.60
N GLY D 43 -4.65 -19.06 46.70
CA GLY D 43 -3.41 -19.85 46.72
C GLY D 43 -2.80 -20.33 45.40
N TRP D 44 -3.46 -20.29 44.23
CA TRP D 44 -2.79 -20.58 42.95
C TRP D 44 -2.15 -19.32 42.37
N LYS D 45 -1.12 -19.41 41.52
CA LYS D 45 -0.55 -18.16 40.99
C LYS D 45 -1.54 -17.68 39.90
N THR D 46 -1.58 -16.40 39.62
CA THR D 46 -2.58 -15.86 38.72
C THR D 46 -1.90 -15.10 37.59
N ARG D 47 -0.59 -15.13 37.56
CA ARG D 47 0.19 -14.39 36.58
C ARG D 47 1.58 -14.96 36.50
N PHE D 48 2.03 -15.23 35.29
CA PHE D 48 3.28 -15.86 35.03
C PHE D 48 4.09 -14.96 34.03
N GLU D 49 5.18 -14.33 34.50
CA GLU D 49 5.84 -13.30 33.71
C GLU D 49 7.12 -13.95 33.09
N GLY D 50 7.08 -14.20 31.79
CA GLY D 50 8.20 -14.70 31.09
C GLY D 50 7.98 -16.05 30.54
N ARG D 51 8.42 -16.31 29.33
CA ARG D 51 8.36 -17.63 28.76
C ARG D 51 8.84 -18.77 29.65
N GLU D 52 10.00 -18.62 30.28
CA GLU D 52 10.53 -19.67 31.14
C GLU D 52 9.72 -19.92 32.40
N THR D 53 9.20 -18.88 33.04
CA THR D 53 8.22 -19.01 34.12
C THR D 53 6.94 -19.72 33.69
N ILE D 54 6.35 -19.33 32.58
CA ILE D 54 5.26 -20.09 32.04
C ILE D 54 5.62 -21.57 31.85
N TRP D 55 6.84 -21.85 31.42
CA TRP D 55 7.24 -23.25 31.13
C TRP D 55 7.44 -24.02 32.45
N ALA D 56 7.86 -23.32 33.48
CA ALA D 56 7.97 -23.95 34.82
C ALA D 56 6.57 -24.37 35.22
N HIS D 57 5.64 -23.44 35.22
CA HIS D 57 4.22 -23.78 35.46
C HIS D 57 3.71 -24.96 34.57
N MET D 58 3.93 -24.93 33.28
CA MET D 58 3.49 -26.12 32.51
C MET D 58 4.20 -27.41 32.93
N ARG D 59 5.52 -27.40 32.97
CA ARG D 59 6.30 -28.58 33.38
C ARG D 59 5.91 -28.99 34.79
N LEU D 60 5.40 -28.05 35.61
CA LEU D 60 5.06 -28.27 37.03
C LEU D 60 3.67 -28.85 37.22
N HIS D 61 3.01 -29.18 36.12
CA HIS D 61 1.67 -29.80 36.24
C HIS D 61 1.74 -30.92 35.22
N PRO D 62 2.57 -31.95 35.49
CA PRO D 62 2.80 -32.96 34.45
C PRO D 62 1.71 -34.03 34.47
N GLU D 63 0.79 -34.03 35.45
CA GLU D 63 -0.44 -34.93 35.41
C GLU D 63 -1.02 -35.13 33.97
N HIS D 64 -1.20 -36.38 33.51
CA HIS D 64 -1.64 -36.66 32.17
C HIS D 64 -3.13 -36.21 32.07
N VAL D 65 -3.48 -35.46 31.00
CA VAL D 65 -4.82 -34.92 30.79
C VAL D 65 -5.08 -34.72 29.32
N THR D 66 -6.16 -35.29 28.80
CA THR D 66 -6.40 -35.15 27.38
C THR D 66 -7.34 -33.88 27.23
N TRP D 67 -6.85 -32.82 26.59
CA TRP D 67 -7.70 -31.60 26.37
C TRP D 67 -8.24 -31.58 24.98
N ARG D 68 -9.53 -31.29 24.84
CA ARG D 68 -10.10 -30.91 23.52
C ARG D 68 -10.98 -29.60 23.72
N PHE D 69 -10.77 -28.68 22.80
CA PHE D 69 -11.56 -27.40 22.85
C PHE D 69 -12.52 -27.31 21.64
N THR D 70 -13.71 -26.77 21.86
CA THR D 70 -14.65 -26.39 20.71
C THR D 70 -14.08 -25.20 19.92
N ASP D 71 -14.78 -24.90 18.81
CA ASP D 71 -14.43 -23.86 17.94
C ASP D 71 -14.53 -22.52 18.73
N VAL D 72 -13.54 -21.68 18.55
CA VAL D 72 -13.56 -20.37 19.20
C VAL D 72 -14.63 -19.37 18.59
N GLN D 73 -15.54 -18.82 19.40
CA GLN D 73 -16.39 -17.77 18.89
C GLN D 73 -15.67 -16.46 19.22
N PHE D 74 -15.24 -15.70 18.20
CA PHE D 74 -14.46 -14.48 18.45
C PHE D 74 -15.34 -13.30 18.43
N TYR D 75 -14.98 -12.27 19.17
CA TYR D 75 -15.70 -10.97 18.97
C TYR D 75 -14.78 -10.12 18.07
N GLU D 76 -15.34 -9.33 17.18
CA GLU D 76 -14.48 -8.52 16.26
C GLU D 76 -13.83 -7.33 16.94
N THR D 77 -12.47 -7.27 16.92
CA THR D 77 -11.78 -6.20 17.51
C THR D 77 -11.32 -5.19 16.46
N ALA D 78 -10.84 -4.02 16.92
CA ALA D 78 -10.24 -3.06 16.02
C ALA D 78 -8.86 -3.53 15.53
N ASP D 79 -8.06 -4.17 16.38
CA ASP D 79 -6.64 -4.41 16.09
C ASP D 79 -6.45 -5.91 15.89
N PRO D 80 -5.98 -6.39 14.67
CA PRO D 80 -5.84 -7.85 14.48
C PRO D 80 -4.84 -8.52 15.45
N ASP D 81 -4.08 -7.74 16.17
CA ASP D 81 -3.20 -8.25 17.17
C ASP D 81 -3.86 -8.29 18.61
N LEU D 82 -5.16 -8.04 18.66
CA LEU D 82 -5.94 -8.38 19.89
C LEU D 82 -7.01 -9.34 19.45
N ALA D 83 -7.19 -10.43 20.18
CA ALA D 83 -8.41 -11.26 20.00
C ALA D 83 -9.06 -11.50 21.36
N ILE D 84 -10.35 -11.76 21.32
CA ILE D 84 -11.19 -12.05 22.44
C ILE D 84 -12.17 -13.06 21.94
N GLY D 85 -12.12 -14.24 22.58
CA GLY D 85 -12.90 -15.38 22.10
C GLY D 85 -13.50 -16.17 23.26
N GLU D 86 -14.62 -16.83 22.97
CA GLU D 86 -15.20 -17.79 23.89
C GLU D 86 -15.15 -19.23 23.32
N TYR D 87 -14.86 -20.19 24.22
CA TYR D 87 -14.87 -21.61 23.79
C TYR D 87 -15.01 -22.48 25.01
N HIS D 88 -15.33 -23.74 24.78
CA HIS D 88 -15.46 -24.70 25.82
C HIS D 88 -14.22 -25.63 25.81
N GLY D 89 -13.73 -26.01 26.97
CA GLY D 89 -12.67 -27.05 26.95
C GLY D 89 -13.08 -28.27 27.84
N ASP D 90 -12.78 -29.45 27.36
CA ASP D 90 -12.89 -30.73 28.12
C ASP D 90 -11.53 -31.25 28.34
N GLY D 91 -11.23 -31.62 29.58
CA GLY D 91 -9.91 -32.10 29.96
C GLY D 91 -10.12 -33.44 30.69
N VAL D 92 -9.89 -34.54 29.98
CA VAL D 92 -10.10 -35.86 30.55
C VAL D 92 -8.82 -36.25 31.30
N VAL D 93 -8.97 -36.52 32.59
CA VAL D 93 -7.88 -36.82 33.50
C VAL D 93 -7.58 -38.33 33.49
N THR D 94 -6.41 -38.68 33.03
CA THR D 94 -6.03 -40.07 32.83
C THR D 94 -6.17 -40.90 34.10
N VAL D 95 -5.66 -40.43 35.22
CA VAL D 95 -5.67 -41.20 36.42
C VAL D 95 -7.02 -41.76 36.75
N SER D 96 -8.08 -41.05 36.43
CA SER D 96 -9.42 -41.51 36.84
C SER D 96 -10.36 -41.60 35.64
N GLY D 97 -10.00 -41.01 34.54
CA GLY D 97 -10.93 -40.79 33.48
C GLY D 97 -12.09 -39.87 33.78
N GLY D 98 -12.00 -39.06 34.82
CA GLY D 98 -12.91 -37.97 35.04
C GLY D 98 -12.58 -36.77 34.17
N LYS D 99 -13.48 -35.79 34.11
CA LYS D 99 -13.37 -34.71 33.06
C LYS D 99 -13.55 -33.34 33.72
N TYR D 100 -12.57 -32.47 33.52
CA TYR D 100 -12.68 -31.00 33.75
C TYR D 100 -13.42 -30.42 32.55
N ALA D 101 -14.52 -29.68 32.82
CA ALA D 101 -15.37 -29.06 31.77
C ALA D 101 -15.36 -27.56 32.06
N ALA D 102 -14.83 -26.76 31.15
CA ALA D 102 -14.75 -25.27 31.43
C ALA D 102 -15.25 -24.47 30.21
N ASP D 103 -15.82 -23.28 30.47
CA ASP D 103 -16.10 -22.29 29.41
C ASP D 103 -15.24 -21.03 29.64
N TYR D 104 -14.46 -20.73 28.64
CA TYR D 104 -13.47 -19.74 28.68
C TYR D 104 -13.92 -18.47 28.02
N ILE D 105 -13.52 -17.34 28.58
CA ILE D 105 -13.36 -16.13 27.75
C ILE D 105 -11.91 -15.64 27.89
N THR D 106 -11.24 -15.43 26.71
CA THR D 106 -9.80 -15.32 26.70
C THR D 106 -9.41 -14.09 25.89
N VAL D 107 -8.54 -13.28 26.46
CA VAL D 107 -7.98 -12.11 25.84
C VAL D 107 -6.54 -12.44 25.45
N LEU D 108 -6.24 -12.24 24.17
CA LEU D 108 -4.97 -12.49 23.57
C LEU D 108 -4.36 -11.30 22.84
N ARG D 109 -3.19 -10.87 23.29
CA ARG D 109 -2.38 -9.82 22.69
C ARG D 109 -1.08 -10.40 22.20
N THR D 110 -0.82 -10.13 20.96
CA THR D 110 0.23 -10.79 20.19
C THR D 110 1.01 -9.70 19.47
N ARG D 111 2.18 -10.06 18.97
CA ARG D 111 2.93 -9.15 18.05
C ARG D 111 3.98 -9.97 17.36
N ASP D 112 3.97 -9.82 16.03
CA ASP D 112 4.96 -10.44 15.12
C ASP D 112 4.87 -11.93 15.31
N GLY D 113 3.64 -12.45 15.47
CA GLY D 113 3.39 -13.92 15.57
C GLY D 113 3.66 -14.54 16.95
N GLN D 114 3.92 -13.74 17.94
CA GLN D 114 4.21 -14.24 19.34
C GLN D 114 3.23 -13.60 20.34
N ILE D 115 3.09 -14.20 21.50
CA ILE D 115 2.08 -13.81 22.45
C ILE D 115 2.66 -12.88 23.46
N LEU D 116 2.07 -11.73 23.69
CA LEU D 116 2.58 -10.87 24.75
C LEU D 116 1.69 -11.08 25.94
N LEU D 117 0.41 -11.34 25.73
CA LEU D 117 -0.52 -11.61 26.83
C LEU D 117 -1.54 -12.64 26.44
N LEU D 118 -1.71 -13.64 27.29
CA LEU D 118 -2.78 -14.65 27.20
C LEU D 118 -3.52 -14.59 28.54
N ARG D 119 -4.69 -13.99 28.52
CA ARG D 119 -5.44 -13.73 29.72
C ARG D 119 -6.70 -14.59 29.74
N VAL D 120 -6.73 -15.64 30.53
CA VAL D 120 -7.68 -16.74 30.25
C VAL D 120 -8.65 -16.83 31.50
N PHE D 121 -9.91 -16.43 31.30
CA PHE D 121 -10.88 -16.47 32.39
C PHE D 121 -11.54 -17.86 32.30
N TRP D 122 -11.74 -18.49 33.45
CA TRP D 122 -12.66 -19.60 33.54
C TRP D 122 -13.24 -19.63 34.99
N ASN D 123 -14.27 -20.43 35.14
CA ASN D 123 -14.98 -20.53 36.45
C ASN D 123 -14.14 -21.51 37.31
N PRO D 124 -13.49 -21.06 38.41
CA PRO D 124 -12.65 -21.97 39.24
C PRO D 124 -13.42 -23.11 39.96
N LEU D 125 -14.71 -22.97 40.01
CA LEU D 125 -15.53 -24.02 40.52
C LEU D 125 -15.59 -25.24 39.65
N ARG D 126 -15.22 -25.06 38.39
CA ARG D 126 -15.10 -26.15 37.41
C ARG D 126 -13.84 -27.04 37.50
N ILE D 127 -12.74 -26.47 37.99
CA ILE D 127 -11.45 -27.16 38.09
C ILE D 127 -11.10 -27.16 39.55
O23 DOG E . 5.50 -4.21 -1.14
C23 DOG E . 6.30 -3.59 -1.67
C22 DOG E . 6.64 -2.20 -1.51
O21 DOG E . 7.08 -4.11 -2.71
C21 DOG E . 7.88 -3.08 -3.23
C20 DOG E . 7.56 -1.89 -2.38
C17 DOG E . 8.31 -0.57 -2.44
C16 DOG E . 9.78 -0.84 -2.17
C13 DOG E . 8.37 0.23 -3.73
C18 DOG E . 7.18 -0.03 -4.60
C12 DOG E . 8.43 1.73 -3.39
O12 DOG E . 7.29 2.16 -2.72
C14 DOG E . 9.69 -0.15 -4.41
C15 DOG E . 10.59 -0.22 -3.24
O14 DOG E . 9.79 -1.46 -4.91
C8 DOG E . 10.10 0.81 -5.55
C7 DOG E . 11.42 0.37 -6.10
C9 DOG E . 10.06 2.29 -5.16
C11 DOG E . 8.69 2.60 -4.60
C10 DOG E . 10.53 3.22 -6.30
C19 DOG E . 9.75 3.10 -7.56
C5 DOG E . 11.97 2.89 -6.64
C6 DOG E . 12.25 1.42 -6.85
C4 DOG E . 12.94 3.43 -5.61
C3 DOG E . 12.78 4.89 -5.37
O32 DOG E . 13.07 5.58 -6.56
C2 DOG E . 11.37 5.14 -4.92
C1 DOG E . 10.41 4.69 -5.99
H22 DOG E . 6.22 -1.53 -0.80
H211 DOG E . 7.66 -2.90 -4.27
H212 DOG E . 8.93 -3.33 -3.15
H17 DOG E . 7.94 0.07 -1.64
H161 DOG E . 9.99 -1.90 -2.16
H162 DOG E . 10.06 -0.43 -1.20
H181 DOG E . 7.23 0.57 -5.46
H182 DOG E . 6.31 0.20 -4.06
H183 DOG E . 7.16 -1.04 -4.87
H12 DOG E . 9.26 1.87 -2.70
H12O DOG E . 7.25 3.11 -2.71
H151 DOG E . 11.45 -0.82 -3.47
H152 DOG E . 10.93 0.76 -2.93
H14O DOG E . 9.14 -1.59 -5.62
HC8 DOG E . 9.40 0.69 -6.36
HC71 DOG E . 11.23 -0.44 -6.79
HC72 DOG E . 12.02 -0.05 -5.31
HC9 DOG E . 10.75 2.43 -4.33
H111 DOG E . 8.66 3.64 -4.31
H112 DOG E . 7.94 2.45 -5.37
H191 DOG E . 10.15 3.76 -8.27
H192 DOG E . 8.74 3.35 -7.37
H193 DOG E . 9.81 2.11 -7.92
HC5 DOG E . 12.20 3.39 -7.58
HC61 DOG E . 12.15 1.23 -7.92
HC62 DOG E . 13.30 1.24 -6.62
HC41 DOG E . 13.95 3.24 -5.95
HC42 DOG E . 12.80 2.91 -4.68
HC3 DOG E . 13.47 5.19 -4.58
H32O DOG E . 13.49 6.41 -6.34
HC21 DOG E . 11.23 6.20 -4.71
HC22 DOG E . 11.17 4.60 -3.99
HC11 DOG E . 9.40 4.91 -5.68
HC12 DOG E . 10.60 5.27 -6.88
O23 DOG F . -16.80 4.98 -3.39
C23 DOG F . -16.78 6.15 -3.37
C22 DOG F . -16.11 7.05 -4.28
O21 DOG F . -17.40 6.93 -2.37
C21 DOG F . -17.13 8.27 -2.65
C20 DOG F . -16.31 8.27 -3.91
C17 DOG F . -15.87 9.47 -4.75
C16 DOG F . -17.12 10.18 -5.24
C13 DOG F . -14.99 10.58 -4.16
C18 DOG F . -14.08 10.07 -3.06
C12 DOG F . -14.13 11.17 -5.24
O12 DOG F . -13.22 10.22 -5.69
C14 DOG F . -15.96 11.66 -3.75
C15 DOG F . -17.00 11.62 -4.85
O14 DOG F . -16.70 11.28 -2.65
C8 DOG F . -15.32 13.01 -3.39
C7 DOG F . -16.33 14.09 -3.02
C9 DOG F . -14.38 13.53 -4.46
C11 DOG F . -13.44 12.44 -4.85
C10 DOG F . -13.74 14.90 -4.16
C19 DOG F . -12.83 14.87 -2.96
C5 DOG F . -14.81 15.92 -3.85
C6 DOG F . -15.70 15.44 -2.74
C4 DOG F . -15.66 16.30 -5.06
C3 DOG F . -14.89 16.69 -6.29
O32 DOG F . -14.35 17.95 -6.18
C2 DOG F . -13.78 15.68 -6.51
C1 DOG F . -12.93 15.43 -5.31
H22 DOG F . -15.56 6.73 -5.13
H211 DOG F . -16.60 8.74 -1.83
H212 DOG F . -18.06 8.81 -2.80
H17 DOG F . -15.35 9.07 -5.62
H161 DOG F . -18.02 9.75 -4.81
H162 DOG F . -17.19 10.08 -6.32
H181 DOG F . -13.62 10.87 -2.57
H182 DOG F . -13.34 9.45 -3.47
H183 DOG F . -14.63 9.51 -2.37
H12 DOG F . -14.80 11.42 -6.08
H12O DOG F . -12.99 10.42 -6.59
H151 DOG F . -17.95 12.00 -4.51
H152 DOG F . -16.67 12.21 -5.69
H14O DOG F . -16.18 10.76 -2.05
HC8 DOG F . -14.71 12.84 -2.50
HC71 DOG F . -16.89 13.77 -2.15
HC72 DOG F . -17.05 14.19 -3.82
HC9 DOG F . -15.01 13.69 -5.34
H111 DOG F . -12.84 12.78 -5.69
H112 DOG F . -12.74 12.23 -4.04
H191 DOG F . -12.49 15.85 -2.75
H192 DOG F . -11.99 14.26 -3.15
H193 DOG F . -13.34 14.52 -2.11
HC5 DOG F . -14.32 16.83 -3.50
HC61 DOG F . -15.13 15.40 -1.82
HC62 DOG F . -16.49 16.17 -2.59
HC41 DOG F . -16.31 17.11 -4.79
HC42 DOG F . -16.30 15.45 -5.32
HC3 DOG F . -15.57 16.66 -7.14
H32O DOG F . -13.87 18.15 -7.00
HC21 DOG F . -13.15 16.05 -7.30
HC22 DOG F . -14.22 14.76 -6.85
HC11 DOG F . -12.15 14.73 -5.58
HC12 DOG F . -12.45 16.35 -5.01
O23 DOG G . 16.70 19.73 -21.81
C23 DOG G . 16.06 19.31 -20.91
C22 DOG G . 16.51 18.71 -19.66
O21 DOG G . 14.67 19.28 -20.89
C21 DOG G . 14.24 18.68 -19.72
C20 DOG G . 15.47 18.38 -18.95
C17 DOG G . 15.52 17.87 -17.53
C16 DOG G . 14.69 18.78 -16.62
C13 DOG G . 14.97 16.47 -17.21
C18 DOG G . 15.08 15.60 -18.43
C12 DOG G . 15.75 15.91 -16.02
O12 DOG G . 17.03 15.53 -16.38
C14 DOG G . 13.56 16.65 -16.73
C15 DOG G . 13.66 17.93 -15.94
O14 DOG G . 12.67 16.97 -17.73
C8 DOG G . 12.93 15.47 -15.98
C7 DOG G . 11.53 15.78 -15.53
C9 DOG G . 13.74 14.96 -14.82
C11 DOG G . 15.13 14.72 -15.32
C10 DOG G . 13.14 13.73 -14.12
C19 DOG G . 13.09 12.56 -15.07
C5 DOG G . 11.75 14.08 -13.64
C6 DOG G . 10.91 14.64 -14.75
C4 DOG G . 11.77 15.04 -12.46
C3 DOG G . 12.60 14.55 -11.31
O32 DOG G . 12.07 13.41 -10.69
C2 DOG G . 13.97 14.21 -11.78
C1 DOG G . 13.93 13.23 -12.92
H22 DOG G . 17.52 18.59 -19.36
H211 DOG G . 13.69 17.77 -19.94
H212 DOG G . 13.59 19.33 -19.14
H17 DOG G . 16.55 17.94 -17.18
H161 DOG G . 14.18 19.53 -17.22
H162 DOG G . 15.31 19.27 -15.89
H181 DOG G . 14.66 14.66 -18.21
H182 DOG G . 16.09 15.48 -18.69
H183 DOG G . 14.56 16.06 -19.21
H12 DOG G . 15.84 16.70 -15.30
H12O DOG G . 17.62 16.26 -16.23
H151 DOG G . 12.70 18.43 -15.91
H152 DOG G . 13.98 17.72 -14.92
H14O DOG G . 12.52 16.20 -18.27
HC8 DOG G . 12.87 14.65 -16.71
HC71 DOG G . 10.91 15.97 -16.41
HC72 DOG G . 11.53 16.68 -14.95
HC9 DOG G . 13.81 15.76 -14.08
H111 DOG G . 15.74 14.47 -14.46
H112 DOG G . 15.14 13.86 -15.97
H191 DOG G . 12.63 11.75 -14.59
H192 DOG G . 14.06 12.27 -15.36
H193 DOG G . 12.54 12.82 -15.92
HC5 DOG G . 11.27 13.17 -13.30
HC61 DOG G . 10.69 13.83 -15.44
HC62 DOG G . 9.97 14.97 -14.34
HC41 DOG G . 10.75 15.20 -12.12
HC42 DOG G . 12.15 16.00 -12.78
HC3 DOG G . 12.69 15.36 -10.59
H32O DOG G . 11.12 13.48 -10.67
HC21 DOG G . 14.52 13.78 -10.96
HC22 DOG G . 14.46 15.13 -12.09
HC11 DOG G . 14.95 13.01 -13.22
HC12 DOG G . 13.49 12.32 -12.57
O23 DOG H . -6.67 -21.26 26.48
C23 DOG H . -6.27 -21.90 27.32
C22 DOG H . -7.01 -22.80 28.16
O21 DOG H . -4.93 -21.91 27.66
C21 DOG H . -4.79 -22.80 28.73
C20 DOG H . -6.17 -23.37 28.95
C17 DOG H . -6.50 -24.48 29.90
C16 DOG H . -5.79 -25.74 29.44
C13 DOG H . -6.05 -24.30 31.34
C18 DOG H . -5.91 -22.86 31.75
C12 DOG H . -7.05 -25.00 32.25
O12 DOG H . -8.18 -24.22 32.31
C14 DOG H . -4.75 -25.05 31.47
C15 DOG H . -4.97 -26.24 30.58
O14 DOG H . -3.75 -24.35 30.84
C8 DOG H . -4.29 -25.36 32.90
C7 DOG H . -3.03 -26.17 32.86
C9 DOG H . -5.33 -26.02 33.75
C11 DOG H . -6.55 -25.17 33.68
C10 DOG H . -4.83 -26.34 35.15
C19 DOG H . -4.49 -25.12 35.93
C5 DOG H . -3.56 -27.17 35.11
C6 DOG H . -2.50 -26.55 34.20
C4 DOG H . -3.79 -28.61 34.69
C3 DOG H . -4.87 -29.31 35.48
O32 DOG H . -4.51 -29.55 36.84
C2 DOG H . -6.11 -28.44 35.43
C1 DOG H . -5.87 -27.08 35.97
H22 DOG H . -8.07 -22.98 28.11
H211 DOG H . -4.44 -22.28 29.60
H212 DOG H . -4.10 -23.59 28.48
H17 DOG H . -7.57 -24.64 29.87
H161 DOG H . -5.16 -25.55 28.58
H162 DOG H . -6.53 -26.50 29.15
H181 DOG H . -6.31 -22.71 32.71
H182 DOG H . -6.46 -22.24 31.09
H183 DOG H . -4.91 -22.57 31.74
H12 DOG H . -7.30 -25.97 31.84
H12O DOG H . -8.88 -24.66 31.80
H151 DOG H . -4.02 -26.64 30.23
H152 DOG H . -5.50 -27.01 31.11
H14O DOG H . -3.30 -23.72 31.41
HC8 DOG H . -4.03 -24.41 33.38
HC71 DOG H . -2.25 -25.57 32.38
HC72 DOG H . -3.18 -27.05 32.26
HC9 DOG H . -5.57 -26.97 33.27
H111 DOG H . -7.34 -25.63 34.27
H112 DOG H . -6.35 -24.20 34.12
H191 DOG H . -4.44 -25.36 36.96
H192 DOG H . -5.25 -24.39 35.80
H193 DOG H . -3.56 -24.73 35.64
HC5 DOG H . -3.14 -27.18 36.12
HC61 DOG H . -2.07 -25.68 34.67
HC62 DOG H . -1.70 -27.26 34.06
HC41 DOG H . -2.87 -29.17 34.81
HC42 DOG H . -4.06 -28.65 33.65
HC3 DOG H . -5.09 -30.25 34.99
H32O DOG H . -5.30 -29.67 37.38
HC21 DOG H . -6.88 -28.91 36.03
HC22 DOG H . -6.47 -28.38 34.42
HC11 DOG H . -6.80 -26.53 35.99
HC12 DOG H . -5.51 -27.16 36.99
#